data_4G83
#
_entry.id   4G83
#
_cell.length_a   141.717
_cell.length_b   96.345
_cell.length_c   34.348
_cell.angle_alpha   90.00
_cell.angle_beta   90.00
_cell.angle_gamma   90.00
#
_symmetry.space_group_name_H-M   'P 21 21 21'
#
loop_
_entity.id
_entity.type
_entity.pdbx_description
1 polymer dna
2 polymer 'Tumor protein p73'
3 non-polymer 'ZINC ION'
#
loop_
_entity_poly.entity_id
_entity_poly.type
_entity_poly.pdbx_seq_one_letter_code
_entity_poly.pdbx_strand_id
1 'polydeoxyribonucleotide' (DG)(DA)(DA)(DC)(DC)(DG)(DG)(DT)(DT)(DC)(DG)(DA)(DA)(DC)(DC)(DG)(DG)(DT)(DT)(DC) E,F
2 'polypeptide(L)'
;MGHHHHHHHHEFIPSNTDYPGPHHFEVTFQQSSTAKSATWTYSPLLKKLYCQIAKTCPIQIKVSTPPPPGTAIRAMPVYK
KAEHVTDVVKRCPNHELGRDFNEGQSAPASHLIRVEGNNLSQYVDDPVTGRQSVVVPYEPPQVGTEFTTILYNFMCNSSC
VGGMNRRPILIIITLEMRDGQVLGRRSFEGRICACPGRDRKADEDHYREQ
;
A,B
#
# COMPACT_ATOMS: atom_id res chain seq x y z
N GLU C 11 23.38 22.66 1.08
CA GLU C 11 23.35 21.55 2.01
C GLU C 11 21.90 21.16 2.23
N PHE C 12 20.99 22.14 2.18
CA PHE C 12 19.56 21.86 2.32
C PHE C 12 18.83 21.25 1.11
N ILE C 13 19.00 21.80 -0.10
CA ILE C 13 18.55 21.11 -1.32
C ILE C 13 19.62 20.54 -2.21
N PRO C 14 19.65 19.21 -2.31
CA PRO C 14 20.64 18.62 -3.20
C PRO C 14 20.63 19.03 -4.69
N SER C 15 21.85 19.20 -5.21
CA SER C 15 22.21 19.59 -6.57
C SER C 15 21.96 18.31 -7.37
N ASN C 16 21.53 18.30 -8.63
CA ASN C 16 21.22 16.98 -9.19
C ASN C 16 22.04 16.69 -10.47
N THR C 17 23.29 17.19 -10.45
CA THR C 17 24.13 17.16 -11.64
C THR C 17 25.35 16.23 -11.45
N ASP C 18 25.64 15.48 -12.50
CA ASP C 18 26.82 14.66 -12.62
C ASP C 18 28.10 15.48 -12.41
N TYR C 19 29.05 14.98 -11.63
CA TYR C 19 30.29 15.71 -11.33
C TYR C 19 31.56 14.87 -11.14
N PRO C 20 32.36 14.73 -12.21
CA PRO C 20 33.58 13.94 -12.18
C PRO C 20 34.53 14.58 -11.19
N GLY C 21 35.16 13.79 -10.35
CA GLY C 21 36.15 14.32 -9.43
C GLY C 21 37.57 14.36 -9.92
N PRO C 22 38.48 14.82 -9.04
CA PRO C 22 39.92 15.05 -9.28
C PRO C 22 40.52 13.70 -9.58
N HIS C 23 39.75 12.72 -9.09
CA HIS C 23 40.02 11.31 -9.19
C HIS C 23 39.07 10.73 -10.27
N HIS C 24 38.46 11.61 -11.06
CA HIS C 24 37.59 11.16 -12.14
C HIS C 24 36.60 10.10 -11.71
N PHE C 25 35.75 10.47 -10.75
CA PHE C 25 34.75 9.53 -10.28
C PHE C 25 33.81 9.12 -11.37
N GLU C 26 33.76 7.81 -11.57
CA GLU C 26 32.91 7.28 -12.61
C GLU C 26 32.11 6.13 -12.04
N VAL C 27 30.85 6.00 -12.43
CA VAL C 27 30.06 4.88 -11.98
C VAL C 27 29.54 4.07 -13.15
N THR C 28 29.83 2.78 -13.17
CA THR C 28 29.33 2.01 -14.29
C THR C 28 28.66 0.75 -13.74
N PHE C 29 28.06 -0.01 -14.64
CA PHE C 29 27.38 -1.24 -14.31
C PHE C 29 27.86 -2.32 -15.25
N GLN C 30 28.05 -3.52 -14.72
CA GLN C 30 28.38 -4.63 -15.53
C GLN C 30 27.21 -4.93 -16.45
N GLN C 31 27.49 -5.70 -17.47
CA GLN C 31 26.48 -6.09 -18.43
C GLN C 31 25.47 -6.90 -17.66
N SER C 32 24.20 -6.68 -17.89
CA SER C 32 23.24 -7.37 -17.08
C SER C 32 22.66 -8.27 -18.10
N SER C 33 22.09 -9.40 -17.69
CA SER C 33 21.44 -10.21 -18.70
C SER C 33 20.39 -9.27 -19.26
N THR C 34 20.16 -9.44 -20.56
CA THR C 34 19.17 -8.68 -21.28
C THR C 34 17.96 -9.55 -21.35
N ALA C 35 17.99 -10.62 -20.57
CA ALA C 35 16.88 -11.50 -20.61
C ALA C 35 15.96 -10.69 -19.72
N LYS C 36 14.68 -10.80 -19.98
CA LYS C 36 13.62 -10.24 -19.17
C LYS C 36 13.58 -10.86 -17.77
N SER C 37 14.22 -12.01 -17.59
CA SER C 37 14.21 -12.69 -16.29
C SER C 37 15.31 -12.13 -15.39
N ALA C 38 16.07 -11.18 -15.92
CA ALA C 38 17.17 -10.54 -15.21
C ALA C 38 16.60 -9.93 -13.92
N THR C 39 17.30 -10.01 -12.80
CA THR C 39 16.80 -9.38 -11.59
C THR C 39 16.98 -7.86 -11.61
N TRP C 40 17.93 -7.38 -12.39
CA TRP C 40 18.08 -5.95 -12.64
C TRP C 40 18.83 -5.66 -13.94
N THR C 41 18.46 -4.57 -14.60
CA THR C 41 19.07 -4.22 -15.87
C THR C 41 19.05 -2.69 -16.04
N TYR C 42 20.21 -2.18 -16.39
CA TYR C 42 20.42 -0.77 -16.73
C TYR C 42 20.48 -0.49 -18.24
N SER C 43 19.82 0.59 -18.68
CA SER C 43 19.97 1.04 -20.04
C SER C 43 20.97 2.20 -20.11
N PRO C 44 22.13 1.94 -20.72
CA PRO C 44 23.15 2.97 -20.91
C PRO C 44 22.63 4.14 -21.71
N LEU C 45 21.70 3.84 -22.61
CA LEU C 45 21.12 4.89 -23.43
C LEU C 45 20.39 5.99 -22.65
N LEU C 46 19.48 5.61 -21.76
CA LEU C 46 18.66 6.58 -21.02
C LEU C 46 19.16 6.93 -19.62
N LYS C 47 20.28 6.34 -19.23
CA LYS C 47 20.87 6.46 -17.90
C LYS C 47 19.89 6.29 -16.73
N LYS C 48 19.20 5.15 -16.71
CA LYS C 48 18.15 4.85 -15.73
C LYS C 48 18.32 3.37 -15.36
N LEU C 49 18.27 3.07 -14.07
CA LEU C 49 18.28 1.69 -13.57
C LEU C 49 16.98 0.97 -13.22
N TYR C 50 16.78 -0.22 -13.79
CA TYR C 50 15.56 -0.96 -13.48
C TYR C 50 15.90 -2.16 -12.62
N CYS C 51 15.32 -2.21 -11.42
CA CYS C 51 15.59 -3.32 -10.51
C CYS C 51 14.34 -3.88 -9.84
N GLN C 52 14.53 -4.94 -9.07
CA GLN C 52 13.42 -5.62 -8.42
C GLN C 52 13.56 -5.44 -6.92
N ILE C 53 12.43 -5.42 -6.22
CA ILE C 53 12.40 -5.23 -4.77
C ILE C 53 13.20 -6.25 -3.97
N ALA C 54 14.08 -5.75 -3.12
CA ALA C 54 14.82 -6.63 -2.22
C ALA C 54 15.83 -7.53 -2.90
N LYS C 55 16.16 -7.28 -4.17
CA LYS C 55 17.05 -8.27 -4.70
C LYS C 55 18.34 -7.47 -4.82
N THR C 56 19.48 -8.14 -4.64
CA THR C 56 20.77 -7.47 -4.67
C THR C 56 20.97 -6.85 -6.02
N CYS C 57 21.44 -5.62 -5.98
CA CYS C 57 21.61 -4.81 -7.16
C CYS C 57 22.87 -4.01 -6.97
N PRO C 58 23.99 -4.59 -7.42
CA PRO C 58 25.35 -4.18 -7.15
C PRO C 58 25.70 -3.13 -8.20
N ILE C 59 26.51 -2.16 -7.81
CA ILE C 59 27.12 -1.21 -8.74
C ILE C 59 28.65 -1.09 -8.83
N GLN C 60 29.15 -0.55 -9.95
CA GLN C 60 30.57 -0.36 -10.13
C GLN C 60 30.95 1.11 -10.15
N ILE C 61 31.87 1.39 -9.27
CA ILE C 61 32.56 2.65 -9.16
C ILE C 61 33.96 2.48 -9.77
N LYS C 62 34.49 3.47 -10.48
CA LYS C 62 35.87 3.31 -10.88
C LYS C 62 36.48 4.65 -10.59
N VAL C 63 37.70 4.57 -10.08
CA VAL C 63 38.50 5.76 -9.91
C VAL C 63 39.90 5.74 -10.52
N SER C 64 40.37 6.94 -10.86
CA SER C 64 41.68 7.15 -11.47
C SER C 64 42.76 7.35 -10.41
N THR C 65 42.41 7.96 -9.28
CA THR C 65 43.36 7.89 -8.20
C THR C 65 42.56 7.52 -6.93
N PRO C 66 43.24 6.96 -5.94
CA PRO C 66 42.69 6.61 -4.61
C PRO C 66 42.59 7.72 -3.55
N PRO C 67 41.93 7.37 -2.43
CA PRO C 67 41.81 8.23 -1.24
C PRO C 67 41.24 9.65 -1.39
N PRO C 68 41.67 10.63 -0.59
CA PRO C 68 42.62 10.51 0.54
C PRO C 68 42.02 9.93 1.83
N PRO C 69 42.86 9.65 2.81
CA PRO C 69 42.53 8.74 3.90
C PRO C 69 41.16 9.10 4.44
N GLY C 70 40.33 8.09 4.68
CA GLY C 70 39.06 8.31 5.34
C GLY C 70 37.88 8.67 4.44
N THR C 71 38.02 8.56 3.12
CA THR C 71 36.91 8.92 2.21
C THR C 71 35.79 7.91 2.26
N ALA C 72 34.59 8.40 1.98
CA ALA C 72 33.39 7.60 1.94
C ALA C 72 32.55 7.81 0.67
N ILE C 73 31.58 6.92 0.48
CA ILE C 73 30.64 6.93 -0.63
C ILE C 73 29.19 6.91 -0.13
N ARG C 74 28.41 7.92 -0.51
CA ARG C 74 27.00 8.03 -0.14
C ARG C 74 26.03 7.75 -1.28
N ALA C 75 24.95 7.04 -0.96
CA ALA C 75 23.82 6.96 -1.86
C ALA C 75 22.60 7.61 -1.24
N MET C 76 22.00 8.56 -1.95
CA MET C 76 20.86 9.31 -1.39
C MET C 76 19.82 9.40 -2.51
N PRO C 77 18.65 8.79 -2.32
CA PRO C 77 17.62 9.05 -3.35
C PRO C 77 16.91 10.41 -3.22
N VAL C 78 16.61 11.00 -4.38
CA VAL C 78 15.93 12.30 -4.53
C VAL C 78 14.97 12.23 -5.72
N TYR C 79 13.77 12.79 -5.53
CA TYR C 79 12.76 12.93 -6.59
C TYR C 79 13.04 13.88 -7.74
N LYS C 80 12.70 13.45 -8.95
CA LYS C 80 13.04 14.21 -10.15
C LYS C 80 12.03 15.34 -10.30
N LYS C 81 10.75 15.12 -9.94
CA LYS C 81 9.77 16.17 -10.18
C LYS C 81 9.89 17.23 -9.11
N ALA C 82 9.77 18.48 -9.54
CA ALA C 82 9.98 19.62 -8.67
C ALA C 82 9.14 19.64 -7.38
N GLU C 83 7.88 19.22 -7.51
CA GLU C 83 6.86 19.27 -6.44
C GLU C 83 6.94 18.23 -5.34
N HIS C 84 7.76 17.22 -5.53
CA HIS C 84 7.83 16.20 -4.52
C HIS C 84 9.17 16.25 -3.79
N VAL C 85 10.03 17.11 -4.31
CA VAL C 85 11.44 17.16 -3.98
C VAL C 85 11.52 17.52 -2.50
N THR C 86 10.56 18.31 -2.01
CA THR C 86 10.60 18.63 -0.58
C THR C 86 9.96 17.58 0.32
N ASP C 87 9.41 16.51 -0.25
CA ASP C 87 8.94 15.44 0.61
C ASP C 87 10.23 14.66 0.79
N VAL C 88 10.62 14.33 2.01
CA VAL C 88 11.78 13.47 2.21
C VAL C 88 11.44 12.14 1.58
N VAL C 89 12.33 11.61 0.76
CA VAL C 89 12.01 10.33 0.15
C VAL C 89 12.31 9.17 1.06
N LYS C 90 11.26 8.42 1.38
CA LYS C 90 11.34 7.28 2.27
C LYS C 90 10.48 6.13 1.78
N ARG C 91 10.76 4.98 2.35
CA ARG C 91 9.88 3.83 2.29
C ARG C 91 8.42 4.13 2.64
N CYS C 92 7.53 3.51 1.86
CA CYS C 92 6.08 3.62 2.01
C CYS C 92 5.61 2.92 3.29
N PRO C 93 4.53 3.38 3.91
CA PRO C 93 4.17 2.76 5.19
C PRO C 93 4.00 1.23 5.05
N ASN C 94 3.48 0.63 3.96
CA ASN C 94 3.34 -0.86 3.93
C ASN C 94 4.61 -1.65 3.99
N HIS C 95 5.61 -1.18 3.26
CA HIS C 95 6.98 -1.69 3.34
C HIS C 95 7.66 -1.42 4.69
N GLU C 96 7.45 -0.21 5.24
CA GLU C 96 8.15 0.20 6.42
C GLU C 96 7.86 -0.72 7.58
N LEU C 97 6.61 -1.16 7.67
CA LEU C 97 6.09 -1.92 8.81
C LEU C 97 5.95 -3.43 8.63
N GLY C 98 6.23 -3.98 7.46
CA GLY C 98 6.18 -5.43 7.33
C GLY C 98 7.27 -6.40 7.77
N ARG C 99 6.94 -7.68 7.60
CA ARG C 99 7.70 -8.83 8.09
C ARG C 99 8.86 -9.30 7.22
N ASP C 100 8.66 -9.23 5.91
CA ASP C 100 9.60 -9.79 4.96
C ASP C 100 11.06 -9.34 5.06
N PHE C 101 11.26 -8.08 5.38
CA PHE C 101 12.59 -7.46 5.49
C PHE C 101 12.88 -6.47 6.59
N ASN C 102 12.06 -6.46 7.62
CA ASN C 102 12.28 -5.52 8.68
C ASN C 102 12.89 -6.24 9.86
N GLU C 103 12.38 -7.42 10.14
CA GLU C 103 12.90 -8.21 11.24
C GLU C 103 14.32 -8.72 11.01
N GLY C 104 14.60 -9.24 9.83
CA GLY C 104 15.93 -9.76 9.55
C GLY C 104 17.03 -8.73 9.37
N GLN C 105 16.66 -7.46 9.31
CA GLN C 105 17.65 -6.39 9.13
C GLN C 105 17.89 -5.49 10.34
N SER C 106 19.11 -4.97 10.46
CA SER C 106 19.43 -4.13 11.62
C SER C 106 19.43 -2.66 11.16
N ALA C 107 19.44 -2.50 9.85
CA ALA C 107 19.34 -1.22 9.14
C ALA C 107 17.96 -0.60 9.40
N PRO C 108 17.88 0.73 9.52
CA PRO C 108 16.56 1.34 9.74
C PRO C 108 15.53 1.09 8.61
N ALA C 109 14.30 0.75 9.01
CA ALA C 109 13.22 0.35 8.10
C ALA C 109 12.69 1.43 7.16
N SER C 110 12.85 2.68 7.54
CA SER C 110 12.35 3.81 6.76
C SER C 110 13.20 4.08 5.53
N HIS C 111 14.38 3.48 5.51
CA HIS C 111 15.32 3.74 4.44
C HIS C 111 14.99 2.96 3.17
N LEU C 112 15.06 3.68 2.05
CA LEU C 112 14.83 3.09 0.73
C LEU C 112 16.02 2.27 0.32
N ILE C 113 17.20 2.77 0.65
CA ILE C 113 18.43 2.17 0.16
C ILE C 113 19.15 1.42 1.27
N ARG C 114 19.44 0.15 1.05
CA ARG C 114 20.26 -0.59 1.99
C ARG C 114 21.54 -1.07 1.34
N VAL C 115 22.53 -1.44 2.14
CA VAL C 115 23.73 -2.06 1.59
C VAL C 115 23.87 -3.50 2.09
N GLU C 116 24.16 -4.42 1.18
CA GLU C 116 24.37 -5.80 1.54
C GLU C 116 25.84 -6.16 1.70
N GLY C 117 26.12 -6.94 2.74
CA GLY C 117 27.42 -7.53 2.99
C GLY C 117 28.44 -6.58 3.54
N ASN C 118 27.99 -5.41 3.98
CA ASN C 118 28.93 -4.46 4.52
C ASN C 118 28.49 -4.07 5.92
N ASN C 119 29.36 -4.34 6.87
CA ASN C 119 29.06 -4.06 8.27
C ASN C 119 29.48 -2.70 8.81
N LEU C 120 30.18 -1.87 8.03
CA LEU C 120 30.50 -0.59 8.62
C LEU C 120 29.65 0.46 7.91
N SER C 121 28.58 -0.01 7.28
CA SER C 121 27.64 0.90 6.64
C SER C 121 27.03 1.77 7.72
N GLN C 122 26.87 3.04 7.43
CA GLN C 122 26.24 3.98 8.33
C GLN C 122 25.08 4.58 7.58
N TYR C 123 23.91 4.28 8.11
CA TYR C 123 22.69 4.83 7.56
C TYR C 123 22.44 6.14 8.21
N VAL C 124 22.53 7.19 7.39
CA VAL C 124 22.50 8.51 7.92
C VAL C 124 21.08 8.95 7.67
N ASP C 125 20.52 9.44 8.76
CA ASP C 125 19.24 10.10 8.81
C ASP C 125 19.63 11.46 9.35
N ASP C 126 19.60 12.48 8.51
CA ASP C 126 20.08 13.77 8.97
C ASP C 126 19.14 14.25 10.04
N PRO C 127 19.69 14.58 11.22
CA PRO C 127 18.72 15.00 12.23
C PRO C 127 18.11 16.34 11.80
N VAL C 128 18.92 17.12 11.08
CA VAL C 128 18.49 18.45 10.64
C VAL C 128 17.68 18.57 9.33
N THR C 129 18.12 17.95 8.24
CA THR C 129 17.47 18.15 6.94
C THR C 129 16.49 17.01 6.68
N GLY C 130 16.69 15.94 7.43
CA GLY C 130 15.95 14.70 7.27
C GLY C 130 16.25 13.81 6.09
N ARG C 131 17.15 14.21 5.17
CA ARG C 131 17.48 13.33 4.07
C ARG C 131 18.15 12.07 4.65
N GLN C 132 17.78 10.95 4.05
CA GLN C 132 18.31 9.64 4.39
C GLN C 132 19.22 9.17 3.27
N SER C 133 20.40 8.73 3.66
CA SER C 133 21.34 8.21 2.70
C SER C 133 22.13 7.10 3.37
N VAL C 134 22.89 6.36 2.59
CA VAL C 134 23.70 5.31 3.20
C VAL C 134 25.13 5.54 2.75
N VAL C 135 26.03 5.55 3.72
CA VAL C 135 27.44 5.83 3.47
C VAL C 135 28.27 4.61 3.83
N VAL C 136 29.23 4.29 2.97
CA VAL C 136 30.25 3.30 3.31
C VAL C 136 31.63 3.92 3.16
N PRO C 137 32.61 3.46 3.96
CA PRO C 137 33.95 4.00 3.74
C PRO C 137 34.49 3.54 2.39
N TYR C 138 35.24 4.36 1.68
CA TYR C 138 35.80 3.91 0.41
C TYR C 138 36.83 2.85 0.67
N GLU C 139 36.75 1.82 -0.16
CA GLU C 139 37.69 0.72 -0.19
C GLU C 139 38.27 0.63 -1.60
N PRO C 140 39.61 0.51 -1.72
CA PRO C 140 40.21 0.40 -3.06
C PRO C 140 39.76 -0.94 -3.60
N PRO C 141 39.81 -1.14 -4.93
CA PRO C 141 39.36 -2.49 -5.25
C PRO C 141 40.24 -3.59 -4.68
N GLN C 142 39.61 -4.76 -4.53
CA GLN C 142 40.28 -6.03 -4.36
C GLN C 142 41.44 -6.07 -5.35
N VAL C 143 42.54 -6.68 -4.96
CA VAL C 143 43.75 -6.58 -5.73
C VAL C 143 43.53 -7.00 -7.18
N GLY C 144 44.03 -6.15 -8.07
CA GLY C 144 44.08 -6.39 -9.49
C GLY C 144 42.74 -6.24 -10.20
N THR C 145 41.73 -5.81 -9.48
CA THR C 145 40.45 -5.56 -10.13
C THR C 145 40.26 -4.06 -10.32
N GLU C 146 39.26 -3.70 -11.12
CA GLU C 146 39.24 -2.36 -11.66
C GLU C 146 38.31 -1.62 -10.67
N PHE C 147 37.26 -2.29 -10.24
CA PHE C 147 36.23 -1.65 -9.41
C PHE C 147 35.81 -2.44 -8.17
N THR C 148 35.45 -1.69 -7.12
CA THR C 148 34.90 -2.24 -5.86
C THR C 148 33.36 -2.21 -5.99
N THR C 149 32.76 -3.38 -5.80
CA THR C 149 31.32 -3.54 -5.92
C THR C 149 30.68 -3.26 -4.57
N ILE C 150 29.55 -2.58 -4.69
CA ILE C 150 28.60 -2.29 -3.62
C ILE C 150 27.24 -2.86 -3.95
N LEU C 151 26.70 -3.61 -3.00
CA LEU C 151 25.42 -4.25 -3.15
C LEU C 151 24.32 -3.40 -2.57
N TYR C 152 23.55 -2.75 -3.43
CA TYR C 152 22.42 -2.04 -2.88
C TYR C 152 21.19 -2.92 -2.90
N ASN C 153 20.28 -2.59 -1.99
CA ASN C 153 18.95 -3.16 -1.91
C ASN C 153 17.96 -2.03 -1.87
N PHE C 154 17.02 -2.02 -2.81
CA PHE C 154 16.05 -0.95 -2.82
C PHE C 154 14.79 -1.45 -2.17
N MET C 155 14.28 -0.73 -1.18
CA MET C 155 13.30 -1.37 -0.33
C MET C 155 11.88 -0.92 -0.60
N CYS C 156 11.66 -0.09 -1.62
CA CYS C 156 10.30 0.11 -2.12
C CYS C 156 10.28 0.27 -3.63
N ASN C 157 9.19 -0.17 -4.26
CA ASN C 157 9.01 0.01 -5.70
C ASN C 157 8.72 1.47 -6.04
N SER C 158 9.10 1.92 -7.23
CA SER C 158 8.57 3.20 -7.72
C SER C 158 7.05 3.24 -7.73
N SER C 159 6.46 2.10 -8.06
CA SER C 159 5.02 1.89 -8.07
C SER C 159 4.30 1.98 -6.73
N CYS C 160 5.05 2.01 -5.63
CA CYS C 160 4.50 1.94 -4.26
C CYS C 160 3.57 3.08 -3.80
N VAL C 161 2.55 2.71 -3.03
CA VAL C 161 1.63 3.60 -2.31
C VAL C 161 2.11 4.19 -0.97
N GLY C 162 2.13 5.52 -0.87
CA GLY C 162 2.39 6.19 0.40
C GLY C 162 3.76 6.79 0.52
N GLY C 163 4.72 6.12 -0.11
CA GLY C 163 6.08 6.59 -0.18
C GLY C 163 6.28 7.22 -1.54
N MET C 164 6.98 6.50 -2.42
CA MET C 164 7.35 7.02 -3.73
C MET C 164 6.20 7.19 -4.72
N ASN C 165 5.18 6.34 -4.69
CA ASN C 165 3.93 6.68 -5.37
C ASN C 165 4.00 7.09 -6.85
N ARG C 166 4.84 6.44 -7.65
CA ARG C 166 4.82 6.60 -9.12
C ARG C 166 5.34 7.98 -9.62
N ARG C 167 6.19 8.63 -8.83
CA ARG C 167 7.02 9.80 -9.19
C ARG C 167 8.50 9.43 -9.19
N PRO C 168 9.09 9.30 -10.39
CA PRO C 168 10.46 8.80 -10.65
C PRO C 168 11.53 9.54 -9.86
N ILE C 169 12.49 8.71 -9.45
CA ILE C 169 13.66 9.03 -8.63
C ILE C 169 15.04 8.86 -9.22
N LEU C 170 15.86 9.85 -8.90
CA LEU C 170 17.28 9.84 -9.17
C LEU C 170 17.99 9.38 -7.92
N ILE C 171 18.93 8.46 -8.14
CA ILE C 171 19.79 8.00 -7.08
C ILE C 171 21.11 8.69 -7.25
N ILE C 172 21.45 9.49 -6.24
CA ILE C 172 22.66 10.29 -6.29
C ILE C 172 23.78 9.61 -5.53
N ILE C 173 24.86 9.36 -6.24
CA ILE C 173 25.94 8.69 -5.58
C ILE C 173 27.05 9.71 -5.46
N THR C 174 27.48 10.00 -4.25
CA THR C 174 28.55 10.96 -4.08
C THR C 174 29.72 10.33 -3.38
N LEU C 175 30.95 10.60 -3.84
CA LEU C 175 32.12 10.23 -3.05
C LEU C 175 32.59 11.46 -2.23
N GLU C 176 32.66 11.39 -0.90
CA GLU C 176 32.89 12.58 -0.03
C GLU C 176 33.96 12.33 1.07
N MET C 177 34.76 13.36 1.40
CA MET C 177 35.72 13.27 2.52
C MET C 177 34.90 13.26 3.82
N ARG C 178 35.56 12.92 4.94
CA ARG C 178 34.91 12.87 6.25
C ARG C 178 34.16 14.12 6.69
N ASP C 179 34.66 15.25 6.28
CA ASP C 179 34.07 16.53 6.59
C ASP C 179 32.87 16.96 5.72
N GLY C 180 32.52 16.12 4.75
CA GLY C 180 31.44 16.29 3.80
C GLY C 180 31.60 16.83 2.39
N GLN C 181 32.72 17.48 2.12
CA GLN C 181 33.00 18.00 0.77
C GLN C 181 32.97 16.93 -0.29
N VAL C 182 32.29 17.22 -1.38
CA VAL C 182 32.17 16.30 -2.50
C VAL C 182 33.41 16.26 -3.42
N LEU C 183 33.98 15.05 -3.56
CA LEU C 183 35.13 14.78 -4.44
C LEU C 183 34.72 14.16 -5.74
N GLY C 184 33.54 13.57 -5.79
CA GLY C 184 33.12 13.04 -7.06
C GLY C 184 31.64 12.87 -6.99
N ARG C 185 31.07 12.89 -8.17
CA ARG C 185 29.66 12.71 -8.27
C ARG C 185 29.09 12.15 -9.55
N ARG C 186 28.17 11.20 -9.43
CA ARG C 186 27.49 10.82 -10.64
C ARG C 186 26.02 10.62 -10.33
N SER C 187 25.22 10.48 -11.36
CA SER C 187 23.83 10.23 -11.11
C SER C 187 23.12 9.53 -12.24
N PHE C 188 22.00 8.94 -11.86
CA PHE C 188 21.05 8.25 -12.72
C PHE C 188 19.64 8.25 -12.10
N GLU C 189 18.62 8.18 -12.95
CA GLU C 189 17.24 8.01 -12.50
C GLU C 189 16.97 6.55 -12.22
N GLY C 190 16.35 6.27 -11.09
CA GLY C 190 16.00 4.91 -10.75
C GLY C 190 14.53 4.47 -10.69
N ARG C 191 14.27 3.29 -11.24
CA ARG C 191 12.94 2.71 -11.30
C ARG C 191 12.92 1.26 -10.75
N ILE C 192 12.05 1.01 -9.78
CA ILE C 192 12.05 -0.26 -9.07
C ILE C 192 10.68 -0.88 -9.28
N CYS C 193 10.52 -1.55 -10.40
CA CYS C 193 9.30 -2.29 -10.65
C CYS C 193 9.44 -3.80 -10.46
N ALA C 194 8.32 -4.51 -10.62
CA ALA C 194 8.28 -5.98 -10.53
C ALA C 194 8.63 -6.71 -11.86
N CYS C 195 9.04 -5.98 -12.88
CA CYS C 195 9.34 -6.54 -14.21
C CYS C 195 10.43 -5.80 -14.99
N PRO C 196 11.65 -5.74 -14.46
CA PRO C 196 12.65 -4.90 -15.13
C PRO C 196 13.05 -5.17 -16.59
N GLY C 197 13.19 -6.40 -17.06
CA GLY C 197 13.46 -6.54 -18.49
C GLY C 197 12.40 -5.95 -19.42
N ARG C 198 11.13 -6.20 -19.08
CA ARG C 198 10.04 -5.64 -19.87
C ARG C 198 9.88 -4.14 -19.79
N ASP C 199 10.09 -3.62 -18.60
CA ASP C 199 9.96 -2.20 -18.36
C ASP C 199 11.06 -1.39 -19.05
N ARG C 200 12.29 -1.89 -18.92
CA ARG C 200 13.43 -1.32 -19.62
C ARG C 200 13.12 -1.26 -21.11
N LYS C 201 12.69 -2.40 -21.64
CA LYS C 201 12.39 -2.53 -23.05
C LYS C 201 11.30 -1.56 -23.53
N ALA C 202 10.27 -1.37 -22.70
CA ALA C 202 9.16 -0.48 -23.06
C ALA C 202 9.57 1.00 -23.08
N ASP C 203 10.32 1.46 -22.07
CA ASP C 203 10.76 2.87 -22.07
C ASP C 203 11.67 3.11 -23.29
N GLU C 204 12.53 2.13 -23.59
CA GLU C 204 13.48 2.26 -24.70
C GLU C 204 12.72 2.31 -26.03
N ASP C 205 11.65 1.54 -26.13
CA ASP C 205 10.80 1.58 -27.30
C ASP C 205 10.23 2.98 -27.41
N HIS C 206 9.76 3.52 -26.29
CA HIS C 206 9.15 4.85 -26.26
C HIS C 206 10.02 6.08 -26.62
N TYR C 207 11.30 6.20 -26.28
CA TYR C 207 11.93 7.48 -26.73
C TYR C 207 11.87 7.79 -28.23
N ARG C 208 12.25 6.83 -29.06
CA ARG C 208 12.19 7.00 -30.48
C ARG C 208 10.77 7.21 -30.99
N GLU D 11 -19.42 -19.61 16.50
CA GLU D 11 -19.12 -18.29 17.03
C GLU D 11 -17.71 -17.91 16.59
N PHE D 12 -16.84 -18.90 16.55
CA PHE D 12 -15.46 -18.70 16.11
C PHE D 12 -15.33 -18.54 14.61
N ILE D 13 -16.05 -19.38 13.86
CA ILE D 13 -16.23 -19.19 12.43
C ILE D 13 -17.59 -18.74 11.98
N PRO D 14 -17.65 -17.53 11.42
CA PRO D 14 -18.88 -16.98 10.87
C PRO D 14 -19.50 -17.88 9.82
N SER D 15 -20.82 -17.93 9.87
CA SER D 15 -21.64 -18.74 8.98
C SER D 15 -22.08 -17.72 7.95
N ASN D 16 -22.23 -18.11 6.69
CA ASN D 16 -22.51 -17.12 5.66
C ASN D 16 -23.78 -17.33 4.81
N THR D 17 -24.83 -17.85 5.43
CA THR D 17 -26.01 -18.26 4.70
C THR D 17 -27.16 -17.31 5.04
N ASP D 18 -27.94 -16.92 4.04
CA ASP D 18 -29.14 -16.15 4.27
C ASP D 18 -30.09 -16.82 5.28
N TYR D 19 -30.62 -16.01 6.19
CA TYR D 19 -31.50 -16.48 7.26
C TYR D 19 -32.53 -15.40 7.62
N PRO D 20 -33.73 -15.44 7.03
CA PRO D 20 -34.70 -14.37 7.32
C PRO D 20 -35.15 -14.30 8.78
N GLY D 21 -35.33 -15.48 9.33
CA GLY D 21 -35.66 -15.69 10.74
C GLY D 21 -37.10 -15.29 10.98
N PRO D 22 -37.54 -15.44 12.24
CA PRO D 22 -38.97 -15.20 12.55
C PRO D 22 -39.51 -13.77 12.39
N HIS D 23 -38.66 -12.77 12.54
CA HIS D 23 -39.11 -11.41 12.32
C HIS D 23 -38.41 -11.29 11.03
N HIS D 24 -39.17 -11.47 9.97
CA HIS D 24 -38.67 -11.33 8.62
C HIS D 24 -37.59 -10.27 8.62
N PHE D 25 -36.47 -10.54 7.98
CA PHE D 25 -35.48 -9.52 7.97
C PHE D 25 -35.24 -9.20 6.53
N GLU D 26 -35.42 -7.96 6.10
CA GLU D 26 -35.15 -7.79 4.68
C GLU D 26 -34.27 -6.56 4.52
N VAL D 27 -33.29 -6.62 3.62
CA VAL D 27 -32.40 -5.50 3.33
C VAL D 27 -32.44 -5.03 1.86
N THR D 28 -32.75 -3.76 1.61
CA THR D 28 -32.83 -3.30 0.21
C THR D 28 -32.04 -2.00 -0.05
N PHE D 29 -32.04 -1.56 -1.31
CA PHE D 29 -31.29 -0.40 -1.77
C PHE D 29 -32.16 0.51 -2.56
N GLN D 30 -32.23 1.80 -2.27
CA GLN D 30 -33.00 2.67 -3.15
C GLN D 30 -32.29 2.56 -4.51
N GLN D 31 -32.89 3.03 -5.57
CA GLN D 31 -32.26 2.94 -6.90
C GLN D 31 -30.95 3.72 -6.90
N SER D 32 -29.95 3.13 -7.53
CA SER D 32 -28.60 3.66 -7.53
C SER D 32 -28.50 4.06 -8.97
N SER D 33 -27.62 5.01 -9.27
CA SER D 33 -27.42 5.41 -10.64
C SER D 33 -26.98 4.27 -11.54
N THR D 34 -27.45 4.35 -12.79
CA THR D 34 -27.06 3.38 -13.80
C THR D 34 -25.98 4.06 -14.60
N ALA D 35 -25.55 5.20 -14.06
CA ALA D 35 -24.53 6.02 -14.66
C ALA D 35 -23.21 5.38 -14.27
N LYS D 36 -22.22 5.52 -15.11
CA LYS D 36 -20.84 5.10 -14.80
C LYS D 36 -20.18 5.88 -13.66
N SER D 37 -20.68 7.08 -13.36
CA SER D 37 -20.11 7.94 -12.32
C SER D 37 -20.66 7.70 -10.91
N ALA D 38 -21.60 6.78 -10.74
CA ALA D 38 -22.20 6.52 -9.43
C ALA D 38 -21.08 6.17 -8.44
N THR D 39 -21.16 6.67 -7.23
CA THR D 39 -20.19 6.37 -6.18
C THR D 39 -20.37 4.97 -5.60
N TRP D 40 -21.59 4.48 -5.67
CA TRP D 40 -21.90 3.09 -5.37
C TRP D 40 -23.10 2.52 -6.13
N THR D 41 -23.11 1.19 -6.29
CA THR D 41 -24.20 0.51 -6.98
C THR D 41 -24.25 -0.99 -6.60
N TYR D 42 -25.46 -1.54 -6.55
CA TYR D 42 -25.73 -2.93 -6.13
C TYR D 42 -26.27 -3.78 -7.29
N SER D 43 -25.75 -4.98 -7.50
CA SER D 43 -26.32 -5.89 -8.50
C SER D 43 -27.33 -6.89 -7.93
N PRO D 44 -28.63 -6.67 -8.22
CA PRO D 44 -29.61 -7.69 -7.82
C PRO D 44 -29.36 -9.03 -8.48
N LEU D 45 -28.84 -9.08 -9.70
CA LEU D 45 -28.58 -10.39 -10.31
C LEU D 45 -27.59 -11.18 -9.47
N LEU D 46 -26.48 -10.54 -9.12
CA LEU D 46 -25.42 -11.26 -8.43
C LEU D 46 -25.40 -11.06 -6.92
N LYS D 47 -26.21 -10.16 -6.39
CA LYS D 47 -26.11 -9.80 -4.98
C LYS D 47 -24.72 -9.30 -4.68
N LYS D 48 -24.27 -8.27 -5.38
CA LYS D 48 -22.90 -7.83 -5.22
C LYS D 48 -23.04 -6.37 -5.17
N LEU D 49 -22.39 -5.86 -4.15
CA LEU D 49 -22.26 -4.45 -3.94
C LEU D 49 -20.93 -3.88 -4.44
N TYR D 50 -20.99 -2.87 -5.28
CA TYR D 50 -19.79 -2.23 -5.79
C TYR D 50 -19.72 -0.86 -5.17
N CYS D 51 -18.66 -0.58 -4.41
CA CYS D 51 -18.61 0.74 -3.82
C CYS D 51 -17.23 1.35 -3.95
N GLN D 52 -17.12 2.60 -3.53
CA GLN D 52 -15.87 3.33 -3.64
C GLN D 52 -15.40 3.61 -2.21
N ILE D 53 -14.08 3.72 -2.05
CA ILE D 53 -13.43 3.99 -0.75
C ILE D 53 -13.90 5.25 -0.15
N ALA D 54 -14.33 5.16 1.10
CA ALA D 54 -14.71 6.31 1.88
C ALA D 54 -15.97 7.02 1.46
N LYS D 55 -16.77 6.41 0.60
CA LYS D 55 -17.94 7.11 0.15
C LYS D 55 -19.09 6.35 0.79
N THR D 56 -20.06 7.10 1.34
CA THR D 56 -21.24 6.61 2.03
C THR D 56 -22.04 5.82 1.03
N CYS D 57 -22.31 4.60 1.41
CA CYS D 57 -23.18 3.77 0.62
C CYS D 57 -24.15 3.39 1.67
N PRO D 58 -25.39 3.80 1.48
CA PRO D 58 -26.40 3.55 2.49
C PRO D 58 -27.16 2.32 2.13
N ILE D 59 -27.54 1.64 3.19
CA ILE D 59 -28.49 0.60 3.02
C ILE D 59 -29.75 0.78 3.84
N GLN D 60 -30.82 0.14 3.38
CA GLN D 60 -32.05 0.22 4.14
C GLN D 60 -32.36 -1.15 4.67
N ILE D 61 -32.55 -1.25 5.97
CA ILE D 61 -33.03 -2.49 6.52
C ILE D 61 -34.51 -2.16 6.75
N LYS D 62 -35.37 -3.13 6.48
CA LYS D 62 -36.79 -2.98 6.80
C LYS D 62 -37.40 -4.22 7.47
N VAL D 63 -38.25 -3.84 8.45
CA VAL D 63 -39.18 -4.67 9.24
C VAL D 63 -40.69 -4.26 9.32
N SER D 64 -41.52 -5.28 9.55
CA SER D 64 -42.98 -5.29 9.67
C SER D 64 -43.35 -5.65 11.12
N THR D 65 -42.49 -6.44 11.77
CA THR D 65 -42.67 -6.65 13.21
C THR D 65 -41.40 -6.47 14.08
N PRO D 66 -40.99 -5.19 14.23
CA PRO D 66 -39.91 -4.41 14.87
C PRO D 66 -39.78 -4.30 16.40
N PRO D 67 -40.67 -4.89 17.23
CA PRO D 67 -40.33 -4.64 18.65
C PRO D 67 -39.25 -5.31 19.49
N PRO D 68 -38.27 -6.07 18.91
CA PRO D 68 -37.62 -6.48 20.20
C PRO D 68 -36.81 -5.32 20.85
N PRO D 69 -36.51 -5.43 22.17
CA PRO D 69 -35.70 -4.61 23.09
C PRO D 69 -34.26 -4.37 22.71
N GLY D 70 -33.71 -3.18 22.95
CA GLY D 70 -32.27 -3.02 22.83
C GLY D 70 -31.52 -3.76 21.74
N THR D 71 -32.25 -4.32 20.78
CA THR D 71 -31.66 -5.12 19.72
C THR D 71 -30.86 -4.25 18.76
N ALA D 72 -29.86 -4.91 18.18
CA ALA D 72 -28.93 -4.31 17.21
C ALA D 72 -28.72 -5.08 15.91
N ILE D 73 -28.09 -4.37 14.98
CA ILE D 73 -27.68 -4.89 13.70
C ILE D 73 -26.17 -4.76 13.55
N ARG D 74 -25.56 -5.85 13.15
CA ARG D 74 -24.13 -6.01 12.94
C ARG D 74 -23.79 -6.08 11.51
N ALA D 75 -22.70 -5.43 11.16
CA ALA D 75 -22.06 -5.61 9.89
C ALA D 75 -20.70 -6.22 10.17
N MET D 76 -20.43 -7.34 9.51
CA MET D 76 -19.21 -8.10 9.75
C MET D 76 -18.68 -8.50 8.38
N PRO D 77 -17.48 -8.01 8.01
CA PRO D 77 -16.87 -8.50 6.77
C PRO D 77 -16.20 -9.88 6.87
N VAL D 78 -16.32 -10.68 5.79
CA VAL D 78 -15.73 -12.03 5.69
C VAL D 78 -15.22 -12.36 4.28
N TYR D 79 -14.02 -12.96 4.18
CA TYR D 79 -13.50 -13.43 2.89
C TYR D 79 -14.30 -14.63 2.31
N LYS D 80 -14.65 -14.69 1.00
CA LYS D 80 -15.53 -15.79 0.58
C LYS D 80 -14.79 -17.06 0.41
N LYS D 81 -13.57 -16.87 -0.07
CA LYS D 81 -12.75 -17.99 -0.42
C LYS D 81 -12.16 -18.54 0.87
N ALA D 82 -12.08 -19.86 0.89
CA ALA D 82 -11.68 -20.63 2.04
C ALA D 82 -10.35 -20.27 2.72
N GLU D 83 -9.34 -19.91 1.96
CA GLU D 83 -8.05 -19.75 2.64
C GLU D 83 -7.61 -18.66 3.51
N HIS D 84 -8.36 -17.61 3.46
CA HIS D 84 -8.08 -16.45 4.20
C HIS D 84 -9.09 -16.21 5.27
N VAL D 85 -10.08 -17.09 5.26
CA VAL D 85 -11.30 -16.95 5.96
C VAL D 85 -10.75 -16.92 7.39
N THR D 86 -9.61 -17.59 7.62
CA THR D 86 -9.01 -17.51 8.94
C THR D 86 -8.10 -16.29 9.15
N ASP D 87 -7.95 -15.46 8.13
CA ASP D 87 -7.22 -14.22 8.28
C ASP D 87 -8.31 -13.27 8.77
N VAL D 88 -8.04 -12.53 9.85
CA VAL D 88 -9.01 -11.53 10.26
C VAL D 88 -9.04 -10.51 9.12
N VAL D 89 -10.23 -10.15 8.69
CA VAL D 89 -10.35 -9.15 7.66
C VAL D 89 -10.02 -7.84 8.33
N LYS D 90 -9.09 -7.10 7.75
CA LYS D 90 -8.81 -5.76 8.23
C LYS D 90 -8.29 -4.91 7.14
N ARG D 91 -8.11 -3.61 7.51
CA ARG D 91 -7.48 -2.60 6.67
C ARG D 91 -5.97 -2.76 6.50
N CYS D 92 -5.59 -2.89 5.23
CA CYS D 92 -4.24 -3.17 4.71
C CYS D 92 -3.27 -2.12 5.17
N PRO D 93 -2.01 -2.49 5.47
CA PRO D 93 -1.23 -1.39 6.13
C PRO D 93 -1.14 0.12 5.61
N ASN D 94 -1.12 0.61 4.37
CA ASN D 94 -1.02 2.13 4.24
C ASN D 94 -2.12 3.16 4.72
N HIS D 95 -3.39 2.78 4.49
CA HIS D 95 -4.60 3.42 5.01
C HIS D 95 -4.96 3.38 6.52
N GLU D 96 -4.85 2.21 7.17
CA GLU D 96 -5.30 2.08 8.58
C GLU D 96 -4.46 3.24 9.14
N LEU D 97 -3.24 3.38 8.59
CA LEU D 97 -2.16 4.30 8.97
C LEU D 97 -1.99 5.54 8.09
N GLY D 98 -2.75 5.72 7.02
CA GLY D 98 -2.58 7.00 6.35
C GLY D 98 -3.31 8.13 7.03
N ARG D 99 -2.97 9.33 6.61
CA ARG D 99 -3.58 10.54 7.17
C ARG D 99 -5.07 10.82 6.90
N ASP D 100 -5.50 10.62 5.68
CA ASP D 100 -6.81 11.02 5.17
C ASP D 100 -8.13 10.68 5.92
N PHE D 101 -8.18 9.55 6.62
CA PHE D 101 -9.36 9.07 7.38
C PHE D 101 -9.06 8.49 8.76
N ASN D 102 -7.91 8.83 9.31
CA ASN D 102 -7.47 8.35 10.61
C ASN D 102 -7.67 9.36 11.70
N GLU D 103 -7.41 10.60 11.38
CA GLU D 103 -7.58 11.65 12.35
C GLU D 103 -9.04 11.85 12.75
N GLY D 104 -9.99 11.64 11.84
CA GLY D 104 -11.37 11.94 12.14
C GLY D 104 -12.24 11.18 13.15
N GLN D 105 -12.32 9.86 13.03
CA GLN D 105 -13.20 9.05 13.89
C GLN D 105 -12.55 8.24 15.00
N SER D 106 -13.40 7.74 15.88
CA SER D 106 -13.01 6.91 17.02
C SER D 106 -13.10 5.47 16.57
N ALA D 107 -13.55 5.28 15.33
CA ALA D 107 -13.50 3.94 14.80
C ALA D 107 -12.03 3.57 14.81
N PRO D 108 -11.75 2.31 15.13
CA PRO D 108 -10.40 1.74 15.18
C PRO D 108 -9.73 1.82 13.82
N ALA D 109 -8.46 2.20 13.80
CA ALA D 109 -7.79 2.42 12.53
C ALA D 109 -7.72 1.10 11.80
N SER D 110 -7.74 0.03 12.57
CA SER D 110 -7.65 -1.32 12.05
C SER D 110 -8.94 -1.83 11.36
N HIS D 111 -10.06 -1.16 11.58
CA HIS D 111 -11.37 -1.58 11.04
C HIS D 111 -11.72 -1.27 9.61
N LEU D 112 -12.26 -2.28 8.92
CA LEU D 112 -12.73 -2.12 7.55
C LEU D 112 -14.06 -1.35 7.37
N ILE D 113 -15.05 -1.61 8.24
CA ILE D 113 -16.39 -1.04 8.05
C ILE D 113 -16.75 0.06 9.04
N ARG D 114 -17.14 1.24 8.57
CA ARG D 114 -17.63 2.21 9.54
C ARG D 114 -19.09 2.58 9.28
N VAL D 115 -19.70 3.20 10.29
CA VAL D 115 -21.04 3.76 10.18
C VAL D 115 -20.81 5.24 10.31
N GLU D 116 -21.43 6.03 9.42
CA GLU D 116 -21.27 7.48 9.45
C GLU D 116 -22.29 8.39 10.15
N GLY D 117 -23.58 8.16 9.99
CA GLY D 117 -24.51 8.96 10.77
C GLY D 117 -24.89 8.50 12.17
N ASN D 118 -24.17 7.54 12.73
CA ASN D 118 -24.51 7.09 14.07
C ASN D 118 -23.41 7.12 15.12
N ASN D 119 -23.72 7.82 16.21
CA ASN D 119 -22.84 8.03 17.34
C ASN D 119 -23.22 7.05 18.44
N LEU D 120 -24.12 6.11 18.15
CA LEU D 120 -24.37 5.09 19.15
C LEU D 120 -23.83 3.81 18.60
N SER D 121 -22.97 3.98 17.61
CA SER D 121 -22.25 2.90 16.98
C SER D 121 -21.34 2.27 18.05
N GLN D 122 -21.24 0.95 18.08
CA GLN D 122 -20.32 0.26 18.98
C GLN D 122 -19.43 -0.52 18.02
N TYR D 123 -18.15 -0.20 17.99
CA TYR D 123 -17.19 -0.93 17.17
C TYR D 123 -16.57 -2.11 17.87
N VAL D 124 -16.86 -3.32 17.43
CA VAL D 124 -16.43 -4.48 18.20
C VAL D 124 -15.20 -5.10 17.54
N ASP D 125 -14.19 -5.34 18.38
CA ASP D 125 -12.99 -6.10 18.03
C ASP D 125 -13.03 -7.24 18.99
N ASP D 126 -13.34 -8.43 18.51
CA ASP D 126 -13.51 -9.49 19.47
C ASP D 126 -12.24 -9.90 20.19
N PRO D 127 -12.27 -9.88 21.53
CA PRO D 127 -11.00 -10.23 22.17
C PRO D 127 -10.66 -11.71 21.96
N VAL D 128 -11.69 -12.56 21.89
CA VAL D 128 -11.52 -14.01 21.72
C VAL D 128 -11.38 -14.45 20.24
N THR D 129 -12.23 -13.97 19.34
CA THR D 129 -12.21 -14.49 17.97
C THR D 129 -11.40 -13.53 17.06
N GLY D 130 -11.23 -12.32 17.55
CA GLY D 130 -10.59 -11.24 16.82
C GLY D 130 -11.37 -10.62 15.69
N ARG D 131 -12.56 -11.15 15.41
CA ARG D 131 -13.37 -10.55 14.36
C ARG D 131 -13.75 -9.14 14.75
N GLN D 132 -13.71 -8.26 13.77
CA GLN D 132 -14.10 -6.87 13.92
C GLN D 132 -15.40 -6.63 13.17
N SER D 133 -16.37 -6.02 13.84
CA SER D 133 -17.62 -5.71 13.17
C SER D 133 -18.20 -4.45 13.75
N VAL D 134 -19.23 -3.95 13.10
CA VAL D 134 -19.88 -2.75 13.61
C VAL D 134 -21.37 -2.97 13.80
N VAL D 135 -21.81 -2.60 14.99
CA VAL D 135 -23.17 -2.78 15.45
C VAL D 135 -23.82 -1.45 15.71
N VAL D 136 -25.08 -1.33 15.29
CA VAL D 136 -25.85 -0.20 15.72
C VAL D 136 -27.12 -0.64 16.43
N PRO D 137 -27.61 0.17 17.39
CA PRO D 137 -28.88 -0.24 17.99
C PRO D 137 -29.98 -0.11 16.97
N TYR D 138 -30.94 -1.02 16.99
CA TYR D 138 -32.02 -0.87 16.05
C TYR D 138 -32.86 0.35 16.41
N GLU D 139 -33.14 1.10 15.37
CA GLU D 139 -33.99 2.28 15.37
C GLU D 139 -35.09 2.03 14.35
N PRO D 140 -36.33 2.30 14.75
CA PRO D 140 -37.51 2.14 13.90
C PRO D 140 -37.40 3.17 12.82
N PRO D 141 -38.10 3.00 11.70
CA PRO D 141 -37.87 4.16 10.85
C PRO D 141 -38.42 5.45 11.44
N GLN D 142 -37.82 6.53 10.98
CA GLN D 142 -38.33 7.88 11.04
C GLN D 142 -39.80 7.75 10.66
N VAL D 143 -40.64 8.54 11.31
CA VAL D 143 -42.07 8.55 11.08
C VAL D 143 -42.58 8.25 9.64
N GLY D 144 -43.35 7.14 9.64
CA GLY D 144 -44.13 6.60 8.55
C GLY D 144 -43.77 5.74 7.34
N THR D 145 -42.55 5.18 7.14
CA THR D 145 -42.36 4.27 5.98
C THR D 145 -41.23 3.22 6.08
N GLU D 146 -41.21 2.32 5.14
CA GLU D 146 -40.47 1.04 5.17
C GLU D 146 -39.03 1.23 5.65
N PHE D 147 -38.46 2.32 5.14
CA PHE D 147 -37.06 2.70 5.21
C PHE D 147 -36.45 2.68 6.58
N THR D 148 -35.19 2.36 6.68
CA THR D 148 -34.48 2.74 7.89
C THR D 148 -33.13 2.65 7.25
N THR D 149 -32.48 3.78 7.25
CA THR D 149 -31.18 3.90 6.66
C THR D 149 -30.03 3.74 7.64
N ILE D 150 -29.01 3.02 7.19
CA ILE D 150 -27.71 2.93 7.84
C ILE D 150 -26.68 3.37 6.81
N LEU D 151 -25.83 4.31 7.18
CA LEU D 151 -24.82 4.81 6.26
C LEU D 151 -23.51 4.11 6.45
N TYR D 152 -23.16 3.20 5.56
CA TYR D 152 -21.83 2.63 5.70
C TYR D 152 -20.76 3.36 4.90
N ASN D 153 -19.54 3.22 5.39
CA ASN D 153 -18.34 3.67 4.73
C ASN D 153 -17.31 2.59 4.64
N PHE D 154 -16.85 2.32 3.42
CA PHE D 154 -15.84 1.30 3.27
C PHE D 154 -14.49 1.98 3.20
N MET D 155 -13.56 1.54 4.03
CA MET D 155 -12.36 2.33 4.26
C MET D 155 -11.17 1.68 3.59
N CYS D 156 -11.40 0.70 2.71
CA CYS D 156 -10.31 0.18 1.84
C CYS D 156 -10.79 -0.53 0.57
N ASN D 157 -9.95 -0.68 -0.44
CA ASN D 157 -10.36 -1.48 -1.61
C ASN D 157 -10.26 -2.98 -1.39
N SER D 158 -11.13 -3.71 -2.06
CA SER D 158 -10.91 -5.13 -2.18
C SER D 158 -9.57 -5.52 -2.80
N SER D 159 -9.19 -4.75 -3.82
CA SER D 159 -7.94 -4.84 -4.56
C SER D 159 -6.62 -4.53 -3.86
N CYS D 160 -6.74 -3.94 -2.66
CA CYS D 160 -5.63 -3.40 -1.85
C CYS D 160 -4.57 -4.42 -1.39
N VAL D 161 -3.31 -3.99 -1.40
CA VAL D 161 -2.18 -4.75 -0.87
C VAL D 161 -2.06 -4.72 0.67
N GLY D 162 -2.13 -5.91 1.26
CA GLY D 162 -2.05 -6.14 2.71
C GLY D 162 -3.36 -6.57 3.34
N GLY D 163 -4.48 -6.19 2.74
CA GLY D 163 -5.79 -6.53 3.25
C GLY D 163 -6.39 -7.64 2.44
N MET D 164 -7.41 -7.29 1.68
CA MET D 164 -8.07 -8.27 0.84
C MET D 164 -7.23 -8.65 -0.38
N ASN D 165 -6.34 -7.79 -0.86
CA ASN D 165 -5.41 -8.19 -1.92
C ASN D 165 -6.08 -8.91 -3.07
N ARG D 166 -7.21 -8.36 -3.50
CA ARG D 166 -7.91 -8.84 -4.70
C ARG D 166 -8.58 -10.20 -4.50
N ARG D 167 -8.88 -10.53 -3.26
CA ARG D 167 -9.74 -11.65 -2.95
C ARG D 167 -11.06 -11.18 -2.30
N PRO D 168 -12.11 -11.27 -3.11
CA PRO D 168 -13.44 -10.76 -2.81
C PRO D 168 -13.99 -11.29 -1.48
N ILE D 169 -14.66 -10.35 -0.83
CA ILE D 169 -15.30 -10.45 0.48
C ILE D 169 -16.84 -10.24 0.51
N LEU D 170 -17.54 -11.08 1.28
CA LEU D 170 -18.96 -10.88 1.57
C LEU D 170 -19.12 -10.18 2.90
N ILE D 171 -19.97 -9.16 2.88
CA ILE D 171 -20.31 -8.43 4.07
C ILE D 171 -21.69 -8.89 4.56
N ILE D 172 -21.64 -9.47 5.75
CA ILE D 172 -22.79 -10.07 6.43
C ILE D 172 -23.44 -9.18 7.51
N ILE D 173 -24.73 -8.91 7.34
CA ILE D 173 -25.43 -8.05 8.27
C ILE D 173 -26.37 -8.96 9.06
N THR D 174 -26.21 -8.94 10.39
CA THR D 174 -27.02 -9.76 11.26
C THR D 174 -27.81 -8.90 12.20
N LEU D 175 -29.07 -9.27 12.39
CA LEU D 175 -29.87 -8.70 13.44
C LEU D 175 -29.85 -9.52 14.71
N GLU D 176 -29.44 -8.90 15.81
CA GLU D 176 -29.19 -9.59 17.07
C GLU D 176 -29.82 -8.95 18.28
N MET D 177 -30.26 -9.82 19.16
CA MET D 177 -30.79 -9.46 20.46
C MET D 177 -29.59 -8.98 21.30
N ARG D 178 -29.85 -8.34 22.44
CA ARG D 178 -28.78 -7.87 23.32
C ARG D 178 -27.80 -8.97 23.73
N ASP D 179 -28.28 -10.20 23.89
CA ASP D 179 -27.39 -11.30 24.26
C ASP D 179 -26.57 -11.91 23.11
N GLY D 180 -26.79 -11.40 21.90
CA GLY D 180 -26.11 -11.85 20.70
C GLY D 180 -26.81 -12.85 19.79
N GLN D 181 -27.84 -13.51 20.29
CA GLN D 181 -28.63 -14.47 19.52
C GLN D 181 -29.20 -13.81 18.26
N VAL D 182 -29.06 -14.46 17.11
CA VAL D 182 -29.54 -13.93 15.83
C VAL D 182 -31.06 -14.07 15.53
N LEU D 183 -31.74 -12.94 15.28
CA LEU D 183 -33.16 -12.96 14.93
C LEU D 183 -33.34 -12.81 13.43
N GLY D 184 -32.32 -12.27 12.77
CA GLY D 184 -32.36 -12.20 11.32
C GLY D 184 -30.95 -11.93 10.86
N ARG D 185 -30.67 -12.38 9.66
CA ARG D 185 -29.40 -12.15 9.03
C ARG D 185 -29.48 -12.19 7.53
N ARG D 186 -28.84 -11.29 6.83
CA ARG D 186 -28.81 -11.55 5.42
C ARG D 186 -27.39 -11.24 4.98
N SER D 187 -27.03 -11.63 3.77
CA SER D 187 -25.70 -11.31 3.31
C SER D 187 -25.59 -11.27 1.81
N PHE D 188 -24.55 -10.57 1.38
CA PHE D 188 -24.11 -10.39 0.02
C PHE D 188 -22.60 -10.07 -0.05
N GLU D 189 -21.99 -10.40 -1.19
CA GLU D 189 -20.60 -10.07 -1.52
C GLU D 189 -20.41 -8.65 -2.01
N GLY D 190 -19.39 -8.01 -1.43
CA GLY D 190 -18.93 -6.65 -1.73
C GLY D 190 -17.55 -6.51 -2.38
N ARG D 191 -17.49 -5.61 -3.36
CA ARG D 191 -16.30 -5.30 -4.13
C ARG D 191 -16.09 -3.80 -4.08
N ILE D 192 -14.89 -3.43 -3.68
CA ILE D 192 -14.59 -2.04 -3.42
C ILE D 192 -13.46 -1.63 -4.34
N CYS D 193 -13.87 -1.26 -5.54
CA CYS D 193 -13.00 -0.72 -6.55
C CYS D 193 -13.09 0.77 -6.74
N ALA D 194 -12.22 1.29 -7.61
CA ALA D 194 -12.23 2.70 -7.99
C ALA D 194 -13.22 3.01 -9.14
N CYS D 195 -13.92 1.99 -9.63
CA CYS D 195 -14.91 2.21 -10.67
C CYS D 195 -16.12 1.28 -10.55
N PRO D 196 -17.00 1.50 -9.58
CA PRO D 196 -18.12 0.58 -9.42
C PRO D 196 -19.09 0.53 -10.60
N GLY D 197 -19.40 1.64 -11.25
CA GLY D 197 -20.24 1.53 -12.42
C GLY D 197 -19.65 0.61 -13.50
N ARG D 198 -18.34 0.72 -13.76
CA ARG D 198 -17.72 -0.17 -14.74
C ARG D 198 -17.64 -1.63 -14.27
N ASP D 199 -17.38 -1.85 -13.00
CA ASP D 199 -17.29 -3.21 -12.45
C ASP D 199 -18.66 -3.86 -12.48
N ARG D 200 -19.69 -3.10 -12.12
CA ARG D 200 -21.03 -3.62 -12.27
C ARG D 200 -21.32 -4.17 -13.66
N LYS D 201 -21.07 -3.37 -14.67
CA LYS D 201 -21.34 -3.78 -16.06
C LYS D 201 -20.50 -5.00 -16.52
N ALA D 202 -19.23 -5.06 -16.12
CA ALA D 202 -18.32 -6.15 -16.52
C ALA D 202 -18.55 -7.56 -15.97
N ASP D 203 -18.79 -7.69 -14.66
CA ASP D 203 -19.04 -8.99 -14.05
C ASP D 203 -20.28 -9.55 -14.66
N GLU D 204 -21.22 -8.64 -14.84
CA GLU D 204 -22.50 -8.96 -15.38
C GLU D 204 -22.35 -9.40 -16.82
N ASP D 205 -21.45 -8.75 -17.59
CA ASP D 205 -21.15 -9.13 -18.99
C ASP D 205 -20.61 -10.53 -19.11
N HIS D 206 -19.62 -10.84 -18.28
CA HIS D 206 -19.00 -12.15 -18.31
C HIS D 206 -20.00 -13.24 -17.97
N TYR D 207 -20.85 -13.00 -16.98
CA TYR D 207 -21.86 -13.98 -16.56
C TYR D 207 -22.90 -14.32 -17.63
N ARG D 208 -23.45 -13.30 -18.27
CA ARG D 208 -24.43 -13.52 -19.33
C ARG D 208 -23.71 -14.08 -20.55
#